data_1INF
#
_entry.id   1INF
#
_cell.length_a   124.250
_cell.length_b   124.250
_cell.length_c   71.350
_cell.angle_alpha   90.00
_cell.angle_beta   90.00
_cell.angle_gamma   90.00
#
_symmetry.space_group_name_H-M   'P 4 21 2'
#
loop_
_entity.id
_entity.type
_entity.pdbx_description
1 polymer 'INFLUENZA VIRUS B/LEE/40 NEURAMINIDASE'
2 non-polymer 2-acetamido-2-deoxy-beta-D-glucopyranose
3 non-polymer 'CALCIUM ION'
4 non-polymer '4-(ACETYLAMINO)-3-GUANIDINOBENZOIC ACID'
5 water water
#
_entity_poly.entity_id   1
_entity_poly.type   'polypeptide(L)'
_entity_poly.pdbx_seq_one_letter_code
;EPEWTYPRLSCQGSTFQKALLISPHRFGEIKGNSAPLIIREPFVACGPKECRHFALTHYAAQPGGYYNGTRKDRNKLRHL
VSVKLGKIPTVENSIFHMAAWSGSACHDGREWTYIGVDGPDNDALVKIKYGEAYTDTYHSYAHNILRTQESACNCIGGDC
YLMITDGSASGISKCRFLKIREGRIIKEILPTGRVEHTEECTCGFASNKTIECACRDNSYTAKRPFVKLNVETDTAEIRL
MCTKTYLDTPRPDDGSIAGPCESNGDKWLGGIKGGFVHQRMASKIGRWYSRTMSKTNRMGMELYVKYDGDPWTDSDALTL
SGVMVSIEEPGWYSFGFEIKDKKCDVPCIGIEMVHDGGKDTWHSAATAIYCLMGSGQLLWDTVTGVDMAL
;
_entity_poly.pdbx_strand_id   A
#
loop_
_chem_comp.id
_chem_comp.type
_chem_comp.name
_chem_comp.formula
CA non-polymer 'CALCIUM ION' 'Ca 2'
NAG D-saccharide, beta linking 2-acetamido-2-deoxy-beta-D-glucopyranose 'C8 H15 N O6'
ST4 non-polymer '4-(ACETYLAMINO)-3-GUANIDINOBENZOIC ACID' 'C10 H14 N4 O3'
#
# COMPACT_ATOMS: atom_id res chain seq x y z
N GLU A 1 0.48 -31.47 5.45
CA GLU A 1 -0.01 -30.22 4.82
C GLU A 1 1.15 -29.22 4.82
N PRO A 2 0.97 -28.04 4.21
CA PRO A 2 2.07 -27.06 4.23
C PRO A 2 2.18 -26.47 5.63
N GLU A 3 3.16 -25.59 5.83
CA GLU A 3 3.40 -24.99 7.13
C GLU A 3 2.96 -23.52 7.16
N TRP A 4 2.99 -22.91 8.34
CA TRP A 4 2.60 -21.51 8.48
C TRP A 4 3.82 -20.64 8.16
N THR A 5 3.55 -19.52 7.50
CA THR A 5 4.58 -18.58 7.10
C THR A 5 4.95 -17.67 8.26
N TYR A 6 6.24 -17.34 8.33
CA TYR A 6 6.82 -16.46 9.34
C TYR A 6 7.82 -15.56 8.66
N PRO A 7 8.17 -14.43 9.29
CA PRO A 7 9.15 -13.57 8.62
C PRO A 7 10.56 -14.11 8.93
N ARG A 8 11.41 -14.16 7.92
CA ARG A 8 12.78 -14.63 8.07
C ARG A 8 13.66 -13.41 7.94
N LEU A 9 14.98 -13.59 7.90
CA LEU A 9 15.84 -12.42 7.72
C LEU A 9 15.82 -12.02 6.26
N SER A 10 15.99 -10.74 5.96
CA SER A 10 16.00 -10.30 4.58
C SER A 10 17.20 -10.89 3.83
N CYS A 11 17.11 -10.94 2.51
CA CYS A 11 18.21 -11.45 1.69
C CYS A 11 19.25 -10.34 1.73
N GLN A 12 20.54 -10.67 1.63
CA GLN A 12 21.54 -9.62 1.73
C GLN A 12 21.59 -8.76 0.49
N GLY A 13 21.72 -7.47 0.70
CA GLY A 13 21.79 -6.52 -0.39
C GLY A 13 21.94 -5.19 0.28
N SER A 14 22.05 -4.10 -0.48
CA SER A 14 22.17 -2.81 0.16
C SER A 14 21.51 -1.69 -0.60
N THR A 15 21.21 -1.94 -1.87
CA THR A 15 20.54 -0.92 -2.67
C THR A 15 19.33 -1.53 -3.35
N PHE A 16 18.53 -0.65 -3.96
CA PHE A 16 17.30 -1.02 -4.66
C PHE A 16 17.44 -0.72 -6.13
N GLN A 17 16.95 -1.62 -6.96
CA GLN A 17 17.04 -1.40 -8.38
C GLN A 17 15.70 -1.72 -9.04
N LYS A 18 15.45 -1.05 -10.16
CA LYS A 18 14.28 -1.23 -11.00
C LYS A 18 14.22 -2.71 -11.31
N ALA A 19 13.04 -3.30 -11.21
CA ALA A 19 12.91 -4.73 -11.43
C ALA A 19 11.93 -5.12 -12.53
N LEU A 20 10.79 -4.45 -12.52
CA LEU A 20 9.74 -4.76 -13.46
C LEU A 20 8.80 -3.58 -13.53
N LEU A 21 8.08 -3.47 -14.62
CA LEU A 21 7.07 -2.44 -14.80
C LEU A 21 5.90 -3.22 -15.44
N ILE A 22 4.68 -2.86 -15.06
CA ILE A 22 3.48 -3.45 -15.64
C ILE A 22 2.71 -2.26 -16.15
N SER A 23 2.79 -1.96 -17.44
CA SER A 23 2.05 -0.85 -18.03
C SER A 23 1.00 -1.39 -19.05
N PRO A 24 -0.15 -1.91 -18.56
CA PRO A 24 -1.25 -2.47 -19.37
C PRO A 24 -1.73 -1.59 -20.51
N HIS A 25 -1.74 -0.28 -20.31
CA HIS A 25 -2.23 0.65 -21.31
C HIS A 25 -1.30 0.95 -22.46
N ARG A 26 -0.13 0.30 -22.45
CA ARG A 26 0.81 0.41 -23.55
C ARG A 26 0.10 -0.36 -24.67
N PHE A 27 -0.86 -1.19 -24.25
CA PHE A 27 -1.67 -2.05 -25.10
C PHE A 27 -3.16 -1.69 -25.16
N GLY A 28 -3.54 -0.42 -25.05
CA GLY A 28 -4.96 -0.09 -25.08
C GLY A 28 -5.37 0.92 -26.13
N GLU A 29 -4.62 0.94 -27.22
CA GLU A 29 -4.87 1.86 -28.33
C GLU A 29 -6.17 1.44 -29.00
N ILE A 30 -6.79 2.36 -29.72
CA ILE A 30 -8.03 2.03 -30.41
C ILE A 30 -7.68 1.07 -31.55
N LYS A 31 -6.50 1.30 -32.15
CA LYS A 31 -6.05 0.47 -33.26
C LYS A 31 -5.47 -0.86 -32.82
N GLY A 32 -5.25 -1.02 -31.52
CA GLY A 32 -4.70 -2.27 -31.00
C GLY A 32 -5.79 -3.29 -30.74
N ASN A 33 -5.40 -4.54 -30.47
CA ASN A 33 -6.37 -5.60 -30.21
C ASN A 33 -6.35 -6.14 -28.77
N SER A 34 -6.18 -5.27 -27.79
CA SER A 34 -6.16 -5.73 -26.41
C SER A 34 -7.24 -5.10 -25.52
N ALA A 35 -7.31 -5.56 -24.27
CA ALA A 35 -8.29 -5.04 -23.34
C ALA A 35 -7.77 -5.04 -21.93
N PRO A 36 -6.85 -4.13 -21.63
CA PRO A 36 -6.36 -4.10 -20.25
C PRO A 36 -7.47 -3.50 -19.39
N LEU A 37 -7.64 -4.06 -18.20
CA LEU A 37 -8.65 -3.58 -17.27
C LEU A 37 -8.31 -2.18 -16.76
N ILE A 38 -9.32 -1.36 -16.55
CA ILE A 38 -9.15 -0.01 -15.99
C ILE A 38 -9.10 -0.16 -14.46
N ILE A 39 -7.95 0.12 -13.84
CA ILE A 39 -7.80 -0.01 -12.37
C ILE A 39 -7.13 1.16 -11.61
N ARG A 40 -7.03 1.00 -10.29
CA ARG A 40 -6.40 1.93 -9.38
C ARG A 40 -6.07 1.18 -8.07
N GLU A 41 -5.34 1.83 -7.16
CA GLU A 41 -4.90 1.20 -5.90
C GLU A 41 -4.35 -0.19 -6.11
N PRO A 42 -3.30 -0.33 -6.93
CA PRO A 42 -2.76 -1.68 -7.12
C PRO A 42 -1.79 -1.99 -5.98
N PHE A 43 -1.59 -3.28 -5.72
CA PHE A 43 -0.65 -3.68 -4.69
C PHE A 43 -0.19 -5.07 -5.05
N VAL A 44 0.85 -5.57 -4.39
CA VAL A 44 1.36 -6.92 -4.69
C VAL A 44 1.56 -7.62 -3.38
N ALA A 45 1.20 -8.90 -3.33
CA ALA A 45 1.35 -9.74 -2.14
C ALA A 45 1.87 -11.10 -2.60
N CYS A 46 2.75 -11.70 -1.81
CA CYS A 46 3.31 -12.98 -2.18
C CYS A 46 3.06 -14.13 -1.21
N GLY A 47 3.30 -15.34 -1.69
CA GLY A 47 3.19 -16.54 -0.90
C GLY A 47 4.53 -17.23 -1.06
N PRO A 48 4.69 -18.46 -0.53
CA PRO A 48 5.97 -19.16 -0.67
C PRO A 48 6.31 -19.51 -2.12
N LYS A 49 5.29 -19.65 -2.96
CA LYS A 49 5.47 -20.05 -4.35
C LYS A 49 5.20 -19.00 -5.40
N GLU A 50 4.58 -17.89 -5.03
CA GLU A 50 4.32 -16.87 -6.04
C GLU A 50 3.77 -15.58 -5.48
N CYS A 51 3.92 -14.53 -6.29
CA CYS A 51 3.45 -13.20 -5.97
C CYS A 51 2.30 -12.93 -6.93
N ARG A 52 1.32 -12.18 -6.48
CA ARG A 52 0.18 -11.86 -7.31
C ARG A 52 0.01 -10.36 -7.27
N HIS A 53 -0.50 -9.84 -8.36
CA HIS A 53 -0.72 -8.41 -8.54
C HIS A 53 -2.24 -8.14 -8.39
N PHE A 54 -2.58 -7.40 -7.35
CA PHE A 54 -3.96 -7.04 -7.03
C PHE A 54 -4.32 -5.61 -7.41
N ALA A 55 -5.61 -5.34 -7.54
CA ALA A 55 -6.08 -4.00 -7.89
C ALA A 55 -7.60 -3.92 -7.79
N LEU A 56 -8.14 -2.72 -7.93
CA LEU A 56 -9.58 -2.52 -7.84
C LEU A 56 -9.99 -2.02 -9.18
N THR A 57 -10.54 -2.91 -9.99
CA THR A 57 -10.97 -2.49 -11.30
C THR A 57 -12.30 -1.74 -11.22
N HIS A 58 -12.53 -0.91 -12.23
CA HIS A 58 -13.74 -0.16 -12.36
C HIS A 58 -14.67 -0.94 -13.29
N TYR A 59 -14.40 -2.25 -13.42
CA TYR A 59 -15.15 -3.18 -14.24
C TYR A 59 -15.31 -2.72 -15.70
N ALA A 60 -14.29 -2.10 -16.25
CA ALA A 60 -14.33 -1.63 -17.63
C ALA A 60 -12.93 -1.77 -18.19
N ALA A 61 -12.81 -1.88 -19.52
CA ALA A 61 -11.50 -2.02 -20.15
C ALA A 61 -11.22 -0.93 -21.17
N GLN A 62 -9.97 -0.85 -21.63
CA GLN A 62 -9.51 0.14 -22.59
C GLN A 62 -8.97 -0.59 -23.83
N PRO A 63 -9.49 -0.28 -25.02
CA PRO A 63 -10.55 0.73 -25.21
C PRO A 63 -11.95 0.15 -24.87
N GLY A 64 -12.84 1.02 -24.43
CA GLY A 64 -14.18 0.59 -24.07
C GLY A 64 -15.11 1.77 -24.15
N GLY A 65 -16.29 1.63 -23.55
CA GLY A 65 -17.27 2.70 -23.58
C GLY A 65 -17.83 3.08 -22.21
N TYR A 66 -17.21 2.65 -21.12
CA TYR A 66 -17.68 2.96 -19.78
C TYR A 66 -16.62 3.71 -18.96
N TYR A 67 -16.08 4.80 -19.53
CA TYR A 67 -15.05 5.63 -18.89
C TYR A 67 -15.54 6.62 -17.83
N ASN A 68 -16.81 7.04 -17.94
CA ASN A 68 -17.40 7.98 -16.98
C ASN A 68 -17.46 7.22 -15.68
N GLY A 69 -16.94 7.81 -14.61
CA GLY A 69 -16.96 7.15 -13.31
C GLY A 69 -15.62 6.52 -12.94
N THR A 70 -14.78 6.25 -13.92
CA THR A 70 -13.48 5.63 -13.67
C THR A 70 -12.62 6.44 -12.73
N ARG A 71 -12.76 7.75 -12.81
CA ARG A 71 -11.97 8.65 -11.97
C ARG A 71 -12.43 8.70 -10.49
N LYS A 72 -13.65 8.23 -10.19
CA LYS A 72 -14.16 8.23 -8.82
C LYS A 72 -13.74 6.94 -8.11
N ASP A 73 -13.86 6.92 -6.77
CA ASP A 73 -13.40 5.78 -5.97
C ASP A 73 -14.41 4.75 -5.54
N ARG A 74 -15.67 5.14 -5.44
CA ARG A 74 -16.65 4.19 -4.95
C ARG A 74 -17.94 4.04 -5.73
N ASN A 75 -18.32 2.78 -5.95
CA ASN A 75 -19.54 2.47 -6.65
C ASN A 75 -19.80 0.98 -6.63
N LYS A 76 -20.99 0.61 -7.07
CA LYS A 76 -21.44 -0.78 -7.11
C LYS A 76 -20.79 -1.69 -8.17
N LEU A 77 -19.93 -1.13 -9.00
CA LEU A 77 -19.27 -1.94 -10.03
C LEU A 77 -17.85 -2.36 -9.61
N ARG A 78 -17.15 -1.52 -8.84
CA ARG A 78 -15.78 -1.86 -8.46
C ARG A 78 -15.52 -3.25 -7.84
N HIS A 79 -14.47 -3.92 -8.34
CA HIS A 79 -14.06 -5.27 -7.90
C HIS A 79 -12.55 -5.43 -7.67
N LEU A 80 -12.19 -6.20 -6.65
CA LEU A 80 -10.79 -6.49 -6.35
C LEU A 80 -10.38 -7.60 -7.34
N VAL A 81 -9.44 -7.32 -8.24
CA VAL A 81 -8.97 -8.32 -9.23
C VAL A 81 -7.52 -8.66 -9.03
N SER A 82 -7.07 -9.77 -9.64
CA SER A 82 -5.68 -10.18 -9.53
C SER A 82 -5.20 -11.06 -10.68
N VAL A 83 -3.91 -10.92 -10.97
CA VAL A 83 -3.22 -11.72 -11.97
C VAL A 83 -1.93 -12.08 -11.28
N LYS A 84 -1.22 -13.08 -11.79
CA LYS A 84 0.06 -13.47 -11.21
C LYS A 84 1.04 -12.35 -11.57
N LEU A 85 1.99 -12.07 -10.70
CA LEU A 85 2.96 -11.00 -10.98
C LEU A 85 3.78 -11.30 -12.24
N GLY A 86 3.57 -10.48 -13.27
CA GLY A 86 4.26 -10.70 -14.53
C GLY A 86 3.25 -10.77 -15.66
N LYS A 87 1.99 -11.07 -15.35
CA LYS A 87 0.96 -11.14 -16.39
C LYS A 87 0.31 -9.77 -16.49
N ILE A 88 -0.14 -9.41 -17.68
CA ILE A 88 -0.82 -8.14 -17.92
C ILE A 88 -2.26 -8.39 -17.42
N PRO A 89 -2.78 -7.48 -16.57
CA PRO A 89 -4.14 -7.58 -16.01
C PRO A 89 -5.19 -7.21 -17.02
N THR A 90 -5.66 -8.21 -17.75
CA THR A 90 -6.66 -8.03 -18.80
C THR A 90 -7.93 -8.78 -18.42
N VAL A 91 -9.05 -8.47 -19.10
CA VAL A 91 -10.36 -9.12 -18.87
C VAL A 91 -10.24 -10.63 -18.67
N GLU A 92 -9.66 -11.32 -19.65
CA GLU A 92 -9.49 -12.77 -19.58
C GLU A 92 -8.40 -13.21 -18.62
N ASN A 93 -7.29 -12.51 -18.64
CA ASN A 93 -6.19 -12.85 -17.75
C ASN A 93 -6.54 -12.74 -16.26
N SER A 94 -7.26 -11.68 -15.90
CA SER A 94 -7.66 -11.42 -14.51
C SER A 94 -8.69 -12.38 -13.89
N ILE A 95 -8.64 -12.48 -12.57
CA ILE A 95 -9.57 -13.30 -11.78
C ILE A 95 -10.28 -12.34 -10.82
N PHE A 96 -11.61 -12.30 -10.87
CA PHE A 96 -12.40 -11.39 -10.02
C PHE A 96 -12.65 -12.07 -8.70
N HIS A 97 -12.18 -11.46 -7.63
CA HIS A 97 -12.30 -12.05 -6.31
C HIS A 97 -13.55 -11.75 -5.52
N MET A 98 -13.99 -10.49 -5.58
CA MET A 98 -15.17 -10.05 -4.87
C MET A 98 -15.44 -8.59 -5.20
N ALA A 99 -16.66 -8.16 -4.88
CA ALA A 99 -17.05 -6.78 -5.12
C ALA A 99 -16.40 -5.99 -3.99
N ALA A 100 -15.72 -4.89 -4.32
CA ALA A 100 -15.06 -4.08 -3.29
C ALA A 100 -14.50 -2.82 -3.86
N TRP A 101 -14.61 -1.71 -3.12
CA TRP A 101 -14.02 -0.43 -3.55
C TRP A 101 -12.83 0.02 -2.66
N SER A 102 -12.34 -0.92 -1.85
CA SER A 102 -11.18 -0.78 -0.95
C SER A 102 -10.80 -2.22 -0.62
N GLY A 103 -9.51 -2.53 -0.53
CA GLY A 103 -9.11 -3.90 -0.25
C GLY A 103 -7.68 -4.16 0.19
N SER A 104 -7.42 -5.42 0.54
CA SER A 104 -6.14 -5.91 1.02
C SER A 104 -6.16 -7.43 0.68
N ALA A 105 -5.03 -8.11 0.88
CA ALA A 105 -4.94 -9.56 0.66
C ALA A 105 -3.58 -10.01 1.20
N CYS A 106 -3.48 -11.26 1.64
CA CYS A 106 -2.22 -11.78 2.14
C CYS A 106 -2.28 -13.30 2.22
N HIS A 107 -1.14 -13.96 2.05
CA HIS A 107 -1.09 -15.41 2.07
C HIS A 107 -0.48 -15.86 3.40
N ASP A 108 -1.14 -16.79 4.08
CA ASP A 108 -0.66 -17.26 5.40
C ASP A 108 0.29 -18.45 5.41
N GLY A 109 0.62 -18.95 4.22
CA GLY A 109 1.51 -20.09 4.11
C GLY A 109 0.70 -21.24 3.53
N ARG A 110 -0.62 -21.18 3.72
CA ARG A 110 -1.54 -22.20 3.25
C ARG A 110 -2.52 -21.75 2.15
N GLU A 111 -3.38 -20.79 2.43
CA GLU A 111 -4.29 -20.31 1.40
C GLU A 111 -4.21 -18.79 1.41
N TRP A 112 -4.94 -18.14 0.51
CA TRP A 112 -4.98 -16.68 0.41
C TRP A 112 -6.17 -16.10 1.20
N THR A 113 -5.99 -14.90 1.78
CA THR A 113 -7.04 -14.22 2.51
C THR A 113 -7.23 -12.98 1.68
N TYR A 114 -8.42 -12.80 1.13
CA TYR A 114 -8.71 -11.62 0.33
C TYR A 114 -9.62 -10.77 1.20
N ILE A 115 -9.44 -9.46 1.17
CA ILE A 115 -10.27 -8.57 1.97
C ILE A 115 -10.91 -7.59 0.99
N GLY A 116 -12.15 -7.21 1.25
CA GLY A 116 -12.80 -6.29 0.35
C GLY A 116 -13.78 -5.49 1.16
N VAL A 117 -14.04 -4.26 0.73
CA VAL A 117 -14.98 -3.41 1.44
C VAL A 117 -15.94 -2.81 0.42
N ASP A 118 -17.22 -2.81 0.79
CA ASP A 118 -18.26 -2.28 -0.06
C ASP A 118 -19.54 -2.07 0.76
N GLY A 119 -20.52 -1.40 0.18
CA GLY A 119 -21.77 -1.13 0.84
C GLY A 119 -22.00 0.39 0.80
N PRO A 120 -23.03 0.88 1.50
CA PRO A 120 -23.28 2.34 1.50
C PRO A 120 -22.16 3.08 2.27
N ASP A 121 -21.97 4.37 2.00
CA ASP A 121 -20.90 5.12 2.69
C ASP A 121 -21.09 5.19 4.19
N ASN A 122 -22.34 5.44 4.57
CA ASN A 122 -22.74 5.58 5.96
C ASN A 122 -22.83 4.25 6.68
N ASP A 123 -22.48 3.17 6.00
CA ASP A 123 -22.52 1.86 6.61
C ASP A 123 -21.92 0.79 5.70
N ALA A 124 -20.61 0.90 5.41
CA ALA A 124 -19.92 -0.07 4.55
C ALA A 124 -19.59 -1.34 5.35
N LEU A 125 -18.99 -2.34 4.68
CA LEU A 125 -18.66 -3.63 5.32
C LEU A 125 -17.39 -4.27 4.81
N VAL A 126 -16.61 -4.81 5.74
CA VAL A 126 -15.36 -5.48 5.45
C VAL A 126 -15.67 -6.95 5.29
N LYS A 127 -15.51 -7.46 4.06
CA LYS A 127 -15.74 -8.88 3.72
C LYS A 127 -14.45 -9.67 3.65
N ILE A 128 -14.41 -10.78 4.37
CA ILE A 128 -13.23 -11.62 4.40
C ILE A 128 -13.54 -12.92 3.66
N LYS A 129 -12.62 -13.35 2.80
CA LYS A 129 -12.77 -14.57 1.99
C LYS A 129 -11.56 -15.51 2.16
N TYR A 130 -11.80 -16.75 2.57
CA TYR A 130 -10.71 -17.70 2.73
C TYR A 130 -10.61 -18.59 1.49
N GLY A 131 -9.67 -18.26 0.61
CA GLY A 131 -9.50 -19.03 -0.59
C GLY A 131 -10.74 -18.86 -1.43
N GLU A 132 -11.52 -19.94 -1.55
CA GLU A 132 -12.74 -19.94 -2.36
C GLU A 132 -14.02 -19.53 -1.63
N ALA A 133 -14.00 -19.55 -0.30
CA ALA A 133 -15.20 -19.30 0.51
C ALA A 133 -15.32 -17.98 1.22
N TYR A 134 -16.54 -17.44 1.28
CA TYR A 134 -16.78 -16.18 2.00
C TYR A 134 -16.92 -16.54 3.45
N THR A 135 -15.97 -16.06 4.26
CA THR A 135 -15.90 -16.42 5.67
C THR A 135 -16.38 -15.49 6.77
N ASP A 136 -16.24 -14.18 6.61
CA ASP A 136 -16.66 -13.31 7.70
C ASP A 136 -16.78 -11.89 7.21
N THR A 137 -17.37 -11.05 8.04
CA THR A 137 -17.53 -9.64 7.71
C THR A 137 -17.29 -8.83 8.98
N TYR A 138 -17.22 -7.52 8.84
CA TYR A 138 -17.01 -6.63 9.99
C TYR A 138 -17.68 -5.32 9.63
N HIS A 139 -18.48 -4.79 10.55
CA HIS A 139 -19.21 -3.55 10.28
C HIS A 139 -18.57 -2.18 10.64
N SER A 140 -19.22 -1.14 10.11
CA SER A 140 -18.85 0.26 10.29
C SER A 140 -19.09 0.70 11.72
N TYR A 141 -18.02 1.12 12.40
CA TYR A 141 -18.09 1.56 13.78
C TYR A 141 -18.23 3.07 13.90
N ALA A 142 -17.76 3.80 12.91
CA ALA A 142 -17.84 5.25 12.93
C ALA A 142 -18.72 5.78 11.81
N HIS A 143 -19.42 4.86 11.15
CA HIS A 143 -20.35 5.20 10.08
C HIS A 143 -19.97 6.22 9.03
N ASN A 144 -18.69 6.32 8.72
CA ASN A 144 -18.26 7.20 7.66
C ASN A 144 -17.14 6.56 6.90
N ILE A 145 -17.53 5.98 5.75
CA ILE A 145 -16.66 5.29 4.81
C ILE A 145 -15.66 4.33 5.42
N LEU A 146 -16.13 3.14 5.81
CA LEU A 146 -15.25 2.12 6.36
C LEU A 146 -14.29 1.82 5.19
N ARG A 147 -13.01 1.65 5.49
CA ARG A 147 -12.02 1.41 4.45
C ARG A 147 -10.84 0.62 4.98
N THR A 148 -9.99 0.13 4.08
CA THR A 148 -8.86 -0.68 4.48
C THR A 148 -7.47 -0.29 3.93
N GLN A 149 -6.47 -1.13 4.17
CA GLN A 149 -5.10 -0.85 3.77
C GLN A 149 -4.82 -0.39 2.36
N GLU A 150 -5.18 -1.20 1.37
CA GLU A 150 -4.92 -0.94 -0.05
C GLU A 150 -3.53 -1.46 -0.37
N SER A 151 -3.05 -2.35 0.50
CA SER A 151 -1.79 -3.08 0.36
C SER A 151 -1.94 -4.36 1.17
N ALA A 152 -0.98 -5.26 1.09
CA ALA A 152 -1.06 -6.54 1.77
C ALA A 152 -1.16 -6.58 3.29
N CYS A 153 -1.92 -7.55 3.80
CA CYS A 153 -2.04 -7.77 5.22
C CYS A 153 -0.86 -8.67 5.56
N ASN A 154 -0.49 -8.77 6.83
CA ASN A 154 0.66 -9.59 7.21
C ASN A 154 0.28 -10.76 8.11
N CYS A 155 0.65 -11.97 7.70
CA CYS A 155 0.34 -13.18 8.49
C CYS A 155 1.57 -13.79 9.14
N ILE A 156 1.44 -14.19 10.39
CA ILE A 156 2.55 -14.81 11.14
C ILE A 156 2.04 -16.02 11.90
N GLY A 157 2.59 -17.19 11.59
CA GLY A 157 2.16 -18.41 12.27
C GLY A 157 0.68 -18.70 12.15
N GLY A 158 0.04 -18.23 11.08
CA GLY A 158 -1.37 -18.48 10.92
C GLY A 158 -2.31 -17.35 11.30
N ASP A 159 -1.79 -16.27 11.85
CA ASP A 159 -2.65 -15.17 12.23
C ASP A 159 -2.29 -14.01 11.34
N CYS A 160 -3.31 -13.42 10.73
CA CYS A 160 -3.07 -12.29 9.85
C CYS A 160 -3.63 -11.05 10.51
N TYR A 161 -2.87 -9.97 10.42
CA TYR A 161 -3.29 -8.72 10.99
C TYR A 161 -3.68 -7.79 9.87
N LEU A 162 -4.61 -6.89 10.14
CA LEU A 162 -5.11 -5.98 9.12
C LEU A 162 -5.69 -4.72 9.73
N MET A 163 -5.22 -3.57 9.25
CA MET A 163 -5.70 -2.30 9.72
C MET A 163 -6.95 -1.93 8.93
N ILE A 164 -7.95 -1.43 9.64
CA ILE A 164 -9.21 -0.98 9.04
C ILE A 164 -9.41 0.41 9.66
N THR A 165 -10.16 1.27 8.99
CA THR A 165 -10.38 2.58 9.56
C THR A 165 -11.74 3.15 9.16
N ASP A 166 -12.42 3.79 10.11
CA ASP A 166 -13.73 4.36 9.85
C ASP A 166 -13.72 5.81 10.27
N GLY A 167 -14.25 6.69 9.42
CA GLY A 167 -14.27 8.09 9.79
C GLY A 167 -14.16 9.02 8.61
N SER A 168 -14.29 10.31 8.89
CA SER A 168 -14.21 11.38 7.90
C SER A 168 -12.83 11.54 7.28
N ALA A 169 -12.80 11.75 5.97
CA ALA A 169 -11.53 11.91 5.28
C ALA A 169 -10.89 13.22 5.75
N SER A 170 -11.75 14.17 6.11
CA SER A 170 -11.33 15.48 6.58
C SER A 170 -11.69 15.70 8.04
N GLY A 171 -11.23 14.80 8.93
CA GLY A 171 -11.54 14.93 10.35
C GLY A 171 -11.03 13.72 11.09
N ILE A 172 -11.84 13.17 12.00
CA ILE A 172 -11.45 12.01 12.84
C ILE A 172 -11.70 10.62 12.20
N SER A 173 -10.65 9.81 12.16
CA SER A 173 -10.68 8.45 11.59
C SER A 173 -9.77 7.59 12.46
N LYS A 174 -10.31 6.99 13.51
CA LYS A 174 -9.48 6.15 14.37
C LYS A 174 -9.45 4.78 13.77
N CYS A 175 -8.25 4.27 13.55
CA CYS A 175 -8.13 2.97 12.93
C CYS A 175 -8.09 1.88 13.99
N ARG A 176 -8.34 0.65 13.57
CA ARG A 176 -8.31 -0.52 14.44
C ARG A 176 -7.64 -1.57 13.61
N PHE A 177 -7.10 -2.57 14.28
CA PHE A 177 -6.44 -3.67 13.60
C PHE A 177 -7.25 -4.94 13.88
N LEU A 178 -7.21 -5.85 12.92
CA LEU A 178 -7.94 -7.09 13.06
C LEU A 178 -7.00 -8.28 13.04
N LYS A 179 -7.13 -9.17 14.01
CA LYS A 179 -6.33 -10.37 14.00
C LYS A 179 -7.26 -11.45 13.43
N ILE A 180 -7.11 -11.71 12.13
CA ILE A 180 -7.91 -12.70 11.42
C ILE A 180 -7.14 -14.01 11.48
N ARG A 181 -7.85 -15.12 11.39
CA ARG A 181 -7.21 -16.41 11.38
C ARG A 181 -8.08 -17.40 10.62
N GLU A 182 -7.57 -17.84 9.47
CA GLU A 182 -8.28 -18.79 8.63
C GLU A 182 -9.61 -18.28 8.11
N GLY A 183 -9.65 -17.00 7.78
CA GLY A 183 -10.87 -16.39 7.25
C GLY A 183 -11.73 -15.73 8.32
N ARG A 184 -11.63 -16.21 9.55
CA ARG A 184 -12.43 -15.65 10.63
C ARG A 184 -11.72 -14.67 11.55
N ILE A 185 -12.38 -13.55 11.83
CA ILE A 185 -11.83 -12.53 12.73
C ILE A 185 -11.87 -13.12 14.14
N ILE A 186 -10.76 -13.02 14.89
CA ILE A 186 -10.72 -13.56 16.23
C ILE A 186 -10.34 -12.57 17.31
N LYS A 187 -10.14 -11.30 16.91
CA LYS A 187 -9.78 -10.24 17.84
C LYS A 187 -9.64 -8.89 17.16
N GLU A 188 -10.18 -7.86 17.80
CA GLU A 188 -10.08 -6.48 17.34
C GLU A 188 -8.99 -5.88 18.20
N ILE A 189 -8.23 -4.95 17.66
CA ILE A 189 -7.16 -4.32 18.41
C ILE A 189 -7.34 -2.83 18.33
N LEU A 190 -7.71 -2.22 19.45
CA LEU A 190 -7.91 -0.78 19.50
C LEU A 190 -6.56 -0.10 19.84
N PRO A 191 -6.00 0.63 18.88
CA PRO A 191 -4.72 1.30 19.10
C PRO A 191 -4.74 2.42 20.16
N THR A 192 -3.64 2.52 20.88
CA THR A 192 -3.43 3.50 21.93
C THR A 192 -2.56 4.61 21.32
N GLY A 193 -2.40 5.75 21.97
CA GLY A 193 -1.55 6.78 21.39
C GLY A 193 -2.22 7.88 20.60
N ARG A 194 -1.56 8.36 19.54
CA ARG A 194 -2.08 9.46 18.73
C ARG A 194 -3.02 8.96 17.66
N VAL A 195 -4.26 8.73 18.06
CA VAL A 195 -5.22 8.16 17.16
C VAL A 195 -6.23 9.04 16.41
N GLU A 196 -6.01 10.34 16.32
CA GLU A 196 -6.99 11.21 15.63
C GLU A 196 -7.23 10.97 14.12
N HIS A 197 -6.26 10.39 13.43
CA HIS A 197 -6.41 10.09 12.01
C HIS A 197 -5.28 9.19 11.50
N THR A 198 -5.66 7.98 11.10
CA THR A 198 -4.71 7.00 10.60
C THR A 198 -5.45 6.19 9.54
N GLU A 199 -4.98 6.26 8.31
CA GLU A 199 -5.64 5.52 7.25
C GLU A 199 -4.59 4.97 6.31
N GLU A 200 -5.01 4.10 5.39
CA GLU A 200 -4.12 3.46 4.39
C GLU A 200 -2.77 3.02 4.94
N CYS A 201 -2.76 2.18 5.96
CA CYS A 201 -1.49 1.76 6.52
C CYS A 201 -0.74 0.79 5.63
N THR A 202 0.57 1.00 5.52
CA THR A 202 1.48 0.15 4.76
C THR A 202 2.25 -0.59 5.85
N CYS A 203 1.90 -1.85 6.10
CA CYS A 203 2.52 -2.58 7.17
C CYS A 203 3.44 -3.73 6.84
N GLY A 204 4.29 -4.08 7.81
CA GLY A 204 5.24 -5.17 7.64
C GLY A 204 5.81 -5.63 8.96
N PHE A 205 6.53 -6.74 8.93
CA PHE A 205 7.12 -7.32 10.12
C PHE A 205 8.55 -6.81 10.32
N ALA A 206 8.79 -6.12 11.43
CA ALA A 206 10.14 -5.65 11.72
C ALA A 206 10.85 -6.82 12.34
N SER A 207 10.06 -7.76 12.85
CA SER A 207 10.55 -8.97 13.48
C SER A 207 9.34 -9.86 13.74
N ASN A 208 9.58 -10.97 14.42
CA ASN A 208 8.53 -11.92 14.75
C ASN A 208 7.66 -11.37 15.86
N LYS A 209 8.16 -10.39 16.57
CA LYS A 209 7.45 -9.80 17.70
C LYS A 209 6.69 -8.53 17.37
N THR A 210 7.03 -7.85 16.28
CA THR A 210 6.38 -6.59 15.96
C THR A 210 6.10 -6.26 14.50
N ILE A 211 4.87 -5.80 14.24
CA ILE A 211 4.45 -5.35 12.91
C ILE A 211 4.56 -3.83 13.04
N GLU A 212 4.91 -3.13 11.97
CA GLU A 212 5.01 -1.68 12.01
C GLU A 212 4.38 -1.16 10.74
N CYS A 213 3.84 0.06 10.80
CA CYS A 213 3.19 0.66 9.63
C CYS A 213 3.51 2.16 9.50
N ALA A 214 3.46 2.66 8.26
CA ALA A 214 3.62 4.08 7.96
C ALA A 214 2.25 4.30 7.31
N CYS A 215 1.43 5.16 7.92
CA CYS A 215 0.09 5.36 7.43
C CYS A 215 -0.15 6.76 6.91
N ARG A 216 -1.41 7.06 6.59
CA ARG A 216 -1.77 8.37 6.06
C ARG A 216 -2.64 9.07 7.10
N ASP A 217 -2.46 10.38 7.23
CA ASP A 217 -3.28 11.20 8.10
C ASP A 217 -3.73 12.18 7.06
N ASN A 218 -5.01 12.11 6.76
CA ASN A 218 -5.59 12.92 5.73
C ASN A 218 -6.01 14.36 6.05
N SER A 219 -6.18 14.70 7.33
CA SER A 219 -6.61 16.06 7.68
C SER A 219 -5.68 16.97 8.47
N TYR A 220 -5.10 16.43 9.54
CA TYR A 220 -4.24 17.22 10.43
C TYR A 220 -2.73 17.44 10.15
N THR A 221 -2.05 16.51 9.49
CA THR A 221 -0.60 16.68 9.29
C THR A 221 0.08 16.09 8.05
N ALA A 222 1.22 16.69 7.72
CA ALA A 222 2.05 16.27 6.58
C ALA A 222 2.97 15.13 7.03
N LYS A 223 3.10 14.96 8.34
CA LYS A 223 3.89 13.86 8.90
C LYS A 223 3.05 12.59 8.78
N ARG A 224 3.66 11.45 9.03
CA ARG A 224 2.97 10.19 8.91
C ARG A 224 2.78 9.46 10.21
N PRO A 225 1.54 9.05 10.51
CA PRO A 225 1.31 8.30 11.75
C PRO A 225 2.12 7.00 11.61
N PHE A 226 2.85 6.63 12.64
CA PHE A 226 3.63 5.40 12.59
C PHE A 226 3.14 4.41 13.63
N VAL A 227 2.48 3.35 13.18
CA VAL A 227 1.94 2.31 14.07
C VAL A 227 2.99 1.27 14.42
N LYS A 228 2.96 0.75 15.63
CA LYS A 228 3.87 -0.32 16.08
C LYS A 228 2.94 -1.30 16.76
N LEU A 229 2.82 -2.50 16.21
CA LEU A 229 1.94 -3.50 16.75
C LEU A 229 2.68 -4.70 17.33
N ASN A 230 2.47 -4.93 18.63
CA ASN A 230 3.10 -6.03 19.30
C ASN A 230 2.25 -7.26 19.11
N VAL A 231 2.77 -8.19 18.33
CA VAL A 231 2.09 -9.45 18.01
C VAL A 231 2.00 -10.40 19.24
N GLU A 232 2.85 -10.18 20.24
CA GLU A 232 2.86 -11.01 21.45
C GLU A 232 1.64 -10.74 22.29
N THR A 233 1.31 -9.46 22.39
CA THR A 233 0.23 -9.01 23.23
C THR A 233 -0.89 -8.34 22.45
N ASP A 234 -0.87 -8.46 21.13
CA ASP A 234 -1.90 -7.85 20.27
C ASP A 234 -2.31 -6.46 20.73
N THR A 235 -1.31 -5.62 20.99
CA THR A 235 -1.54 -4.25 21.42
C THR A 235 -0.84 -3.38 20.40
N ALA A 236 -1.40 -2.20 20.14
CA ALA A 236 -0.84 -1.29 19.15
C ALA A 236 -0.87 0.15 19.63
N GLU A 237 0.21 0.90 19.34
CA GLU A 237 0.29 2.31 19.72
C GLU A 237 0.73 3.08 18.50
N ILE A 238 0.32 4.35 18.45
CA ILE A 238 0.63 5.24 17.33
C ILE A 238 1.24 6.58 17.82
N ARG A 239 2.20 7.09 17.06
CA ARG A 239 2.82 8.38 17.33
C ARG A 239 3.28 8.83 15.94
N LEU A 240 3.50 10.12 15.75
CA LEU A 240 3.97 10.66 14.48
C LEU A 240 5.45 10.42 14.29
N MET A 241 5.87 10.21 13.04
CA MET A 241 7.27 10.00 12.77
C MET A 241 7.93 11.34 13.12
N CYS A 242 9.11 11.31 13.73
CA CYS A 242 9.78 12.54 14.09
C CYS A 242 10.65 13.16 13.02
N THR A 243 11.08 12.36 12.06
CA THR A 243 11.95 12.82 11.00
C THR A 243 11.53 14.10 10.28
N LYS A 244 12.53 14.91 9.93
CA LYS A 244 12.31 16.15 9.19
C LYS A 244 11.95 15.86 7.74
N THR A 245 12.37 14.71 7.22
CA THR A 245 12.03 14.35 5.84
C THR A 245 10.58 13.86 5.88
N TYR A 246 9.65 14.79 5.78
CA TYR A 246 8.22 14.48 5.82
C TYR A 246 7.87 13.61 4.61
N LEU A 247 7.23 12.48 4.86
CA LEU A 247 6.91 11.55 3.79
C LEU A 247 5.55 11.63 3.10
N ASP A 248 4.71 12.61 3.44
CA ASP A 248 3.37 12.70 2.85
C ASP A 248 3.29 13.72 1.71
N THR A 249 2.12 13.87 1.09
CA THR A 249 1.89 14.84 0.00
C THR A 249 0.44 15.32 0.14
N PRO A 250 0.18 16.65 0.12
CA PRO A 250 1.13 17.77 -0.01
C PRO A 250 1.88 17.88 1.30
N ARG A 251 2.98 18.63 1.28
CA ARG A 251 3.80 18.78 2.46
C ARG A 251 4.63 20.01 2.20
N PRO A 252 5.25 20.60 3.25
CA PRO A 252 6.11 21.79 3.11
C PRO A 252 7.60 21.37 3.14
N ASP A 253 8.51 22.34 3.25
CA ASP A 253 9.94 22.06 3.28
C ASP A 253 10.35 21.20 4.46
N ASP A 254 11.27 20.28 4.23
CA ASP A 254 11.73 19.39 5.28
C ASP A 254 12.22 20.10 6.52
N GLY A 255 11.91 19.54 7.68
CA GLY A 255 12.32 20.11 8.95
C GLY A 255 11.75 21.48 9.23
N SER A 256 10.60 21.82 8.63
CA SER A 256 10.04 23.15 8.86
C SER A 256 8.82 23.18 9.77
N ILE A 257 8.45 22.02 10.30
CA ILE A 257 7.35 21.94 11.24
C ILE A 257 8.10 22.08 12.57
N ALA A 258 8.04 23.27 13.17
CA ALA A 258 8.74 23.51 14.42
C ALA A 258 8.05 22.90 15.62
N GLY A 259 8.81 22.28 16.51
CA GLY A 259 8.24 21.71 17.72
C GLY A 259 8.70 20.30 18.01
N PRO A 260 8.16 19.64 19.05
CA PRO A 260 8.56 18.27 19.36
C PRO A 260 8.06 17.38 18.23
N CYS A 261 8.47 16.10 18.21
CA CYS A 261 8.06 15.16 17.17
C CYS A 261 6.58 15.08 17.03
N GLU A 262 5.88 15.29 18.14
CA GLU A 262 4.46 15.20 18.18
C GLU A 262 3.71 16.39 17.59
N SER A 263 4.44 17.40 17.12
CA SER A 263 3.80 18.57 16.54
C SER A 263 3.28 18.32 15.13
N ASN A 264 1.98 18.49 14.92
CA ASN A 264 1.39 18.26 13.60
C ASN A 264 1.90 19.28 12.59
N GLY A 265 1.78 20.55 12.92
CA GLY A 265 2.17 21.60 12.00
C GLY A 265 0.89 21.98 11.27
N ASP A 266 1.00 22.66 10.12
CA ASP A 266 -0.20 23.03 9.38
C ASP A 266 -0.88 21.75 8.89
N LYS A 267 -2.18 21.80 8.67
CA LYS A 267 -2.95 20.63 8.22
C LYS A 267 -2.41 20.00 6.95
N TRP A 268 -2.26 20.82 5.91
CA TRP A 268 -1.80 20.34 4.61
C TRP A 268 -2.78 19.26 4.20
N LEU A 269 -4.03 19.68 4.24
CA LEU A 269 -5.20 18.88 3.93
C LEU A 269 -4.96 18.02 2.72
N GLY A 270 -5.07 16.71 2.95
CA GLY A 270 -4.83 15.72 1.91
C GLY A 270 -3.77 14.74 2.38
N GLY A 271 -3.46 13.76 1.56
CA GLY A 271 -2.45 12.78 1.90
C GLY A 271 -2.25 11.85 0.74
N ILE A 272 -1.52 10.78 0.98
CA ILE A 272 -1.25 9.77 -0.03
C ILE A 272 -0.67 8.56 0.70
N LYS A 273 -0.95 7.38 0.17
CA LYS A 273 -0.44 6.16 0.74
C LYS A 273 1.01 6.18 0.37
N GLY A 274 1.86 5.65 1.25
CA GLY A 274 3.28 5.62 0.99
C GLY A 274 3.88 4.25 1.27
N GLY A 275 4.78 3.85 0.38
CA GLY A 275 5.45 2.58 0.51
C GLY A 275 6.42 2.64 1.67
N PHE A 276 6.57 1.51 2.32
CA PHE A 276 7.43 1.38 3.46
C PHE A 276 7.71 -0.12 3.51
N VAL A 277 8.91 -0.50 3.92
CA VAL A 277 9.25 -1.91 3.99
C VAL A 277 10.48 -2.15 4.85
N HIS A 278 10.55 -3.30 5.48
CA HIS A 278 11.66 -3.63 6.34
C HIS A 278 12.73 -4.54 5.73
N GLN A 279 13.97 -4.26 6.09
CA GLN A 279 15.10 -5.04 5.65
C GLN A 279 15.75 -5.54 6.93
N ARG A 280 15.19 -6.58 7.52
CA ARG A 280 15.70 -7.14 8.76
C ARG A 280 17.00 -7.88 8.57
N MET A 281 18.00 -7.48 9.37
CA MET A 281 19.32 -8.09 9.38
C MET A 281 19.49 -8.70 10.77
N ALA A 282 20.52 -9.51 10.95
CA ALA A 282 20.73 -10.15 12.24
C ALA A 282 20.77 -9.17 13.41
N SER A 283 21.51 -8.09 13.25
CA SER A 283 21.65 -7.10 14.31
C SER A 283 21.33 -5.67 13.90
N LYS A 284 20.44 -5.50 12.93
CA LYS A 284 20.11 -4.16 12.48
C LYS A 284 18.77 -4.17 11.76
N ILE A 285 18.16 -3.01 11.66
CA ILE A 285 16.89 -2.91 10.98
C ILE A 285 16.97 -1.81 9.96
N GLY A 286 16.68 -2.15 8.71
CA GLY A 286 16.69 -1.18 7.64
C GLY A 286 15.25 -0.85 7.30
N ARG A 287 14.87 0.42 7.36
CA ARG A 287 13.52 0.83 7.05
C ARG A 287 13.60 1.70 5.83
N TRP A 288 12.84 1.33 4.80
CA TRP A 288 12.81 2.06 3.53
C TRP A 288 11.47 2.72 3.30
N TYR A 289 11.50 3.93 2.75
CA TYR A 289 10.26 4.66 2.51
C TYR A 289 10.33 5.40 1.17
N SER A 290 9.15 5.65 0.57
CA SER A 290 9.07 6.38 -0.70
C SER A 290 8.34 7.68 -0.40
N ARG A 291 8.52 8.67 -1.26
CA ARG A 291 7.86 9.94 -1.10
C ARG A 291 7.78 10.49 -2.53
N THR A 292 6.76 11.26 -2.87
CA THR A 292 6.68 11.81 -4.22
C THR A 292 7.81 12.84 -4.36
N MET A 293 8.21 13.13 -5.58
CA MET A 293 9.26 14.08 -5.74
C MET A 293 8.73 15.50 -5.51
N SER A 294 7.53 15.80 -6.00
CA SER A 294 6.92 17.12 -5.82
C SER A 294 6.35 17.25 -4.41
N LYS A 295 6.56 18.39 -3.76
CA LYS A 295 6.00 18.61 -2.40
C LYS A 295 4.48 18.72 -2.48
N THR A 296 3.99 19.25 -3.59
CA THR A 296 2.57 19.47 -3.72
C THR A 296 1.75 18.49 -4.56
N ASN A 297 2.31 18.05 -5.69
CA ASN A 297 1.59 17.14 -6.56
C ASN A 297 2.17 15.74 -6.54
N ARG A 298 1.40 14.78 -7.05
CA ARG A 298 1.79 13.36 -7.09
C ARG A 298 2.62 13.02 -8.34
N MET A 299 3.72 13.77 -8.51
CA MET A 299 4.66 13.60 -9.61
C MET A 299 6.02 13.13 -9.04
N GLY A 300 6.66 12.18 -9.72
CA GLY A 300 7.95 11.66 -9.27
C GLY A 300 7.89 10.78 -8.03
N MET A 301 9.03 10.15 -7.69
CA MET A 301 9.09 9.28 -6.52
C MET A 301 10.55 8.96 -6.10
N GLU A 302 10.88 9.21 -4.82
CA GLU A 302 12.21 8.97 -4.30
C GLU A 302 12.23 7.89 -3.20
N LEU A 303 13.37 7.22 -3.05
CA LEU A 303 13.56 6.16 -2.04
C LEU A 303 14.43 6.67 -0.91
N TYR A 304 14.05 6.31 0.31
CA TYR A 304 14.80 6.71 1.48
C TYR A 304 15.16 5.52 2.34
N VAL A 305 16.11 5.71 3.24
CA VAL A 305 16.51 4.63 4.12
C VAL A 305 17.05 5.21 5.40
N LYS A 306 16.90 4.43 6.51
CA LYS A 306 17.38 4.85 7.81
C LYS A 306 17.48 3.57 8.59
N TYR A 307 18.72 3.11 8.84
CA TYR A 307 18.91 1.89 9.60
C TYR A 307 18.84 2.16 11.10
N ASP A 308 18.05 1.36 11.79
CA ASP A 308 17.86 1.50 13.24
C ASP A 308 17.33 2.88 13.59
N GLY A 309 17.05 3.07 14.87
CA GLY A 309 16.52 4.35 15.31
C GLY A 309 15.07 4.14 15.65
N ASP A 310 14.48 5.09 16.36
CA ASP A 310 13.09 5.00 16.71
C ASP A 310 12.45 6.05 15.84
N PRO A 311 11.59 5.62 14.91
CA PRO A 311 10.91 6.53 13.99
C PRO A 311 10.08 7.53 14.80
N TRP A 312 9.67 7.10 15.98
CA TRP A 312 8.87 7.90 16.89
C TRP A 312 9.55 9.14 17.49
N THR A 313 10.88 9.05 17.62
CA THR A 313 11.67 10.11 18.22
C THR A 313 12.91 10.65 17.50
N ASP A 314 13.30 10.08 16.35
CA ASP A 314 14.49 10.55 15.62
C ASP A 314 14.19 11.65 14.60
N SER A 315 14.72 12.85 14.84
CA SER A 315 14.51 14.02 13.97
C SER A 315 15.28 14.02 12.67
N ASP A 316 16.37 13.25 12.64
CA ASP A 316 17.25 13.14 11.49
C ASP A 316 16.57 12.83 10.19
N ALA A 317 16.88 13.62 9.17
CA ALA A 317 16.34 13.38 7.85
C ALA A 317 16.79 11.99 7.43
N LEU A 318 15.94 11.33 6.66
CA LEU A 318 16.25 10.00 6.15
C LEU A 318 17.35 10.17 5.07
N THR A 319 18.01 9.07 4.74
CA THR A 319 19.04 9.08 3.71
C THR A 319 18.43 8.85 2.33
N LEU A 320 18.62 9.79 1.40
CA LEU A 320 18.11 9.64 0.03
C LEU A 320 18.83 8.47 -0.64
N SER A 321 18.12 7.68 -1.42
CA SER A 321 18.77 6.54 -2.03
C SER A 321 18.51 6.39 -3.51
N GLY A 322 17.73 7.30 -4.08
CA GLY A 322 17.45 7.24 -5.49
C GLY A 322 16.08 7.74 -5.92
N VAL A 323 16.01 8.12 -7.19
CA VAL A 323 14.80 8.60 -7.81
C VAL A 323 14.31 7.43 -8.64
N MET A 324 13.21 6.83 -8.21
CA MET A 324 12.64 5.72 -8.95
C MET A 324 11.79 6.27 -10.11
N VAL A 325 11.13 7.40 -9.89
CA VAL A 325 10.31 8.02 -10.93
C VAL A 325 10.71 9.49 -10.90
N SER A 326 10.81 10.13 -12.06
CA SER A 326 11.21 11.54 -12.10
C SER A 326 10.00 12.47 -12.00
N ILE A 327 10.21 13.77 -11.80
CA ILE A 327 9.07 14.68 -11.69
C ILE A 327 8.27 14.82 -12.97
N GLU A 328 8.75 14.23 -14.05
CA GLU A 328 7.98 14.33 -15.27
C GLU A 328 6.95 13.18 -15.38
N GLU A 329 7.12 12.17 -14.53
CA GLU A 329 6.25 11.03 -14.53
C GLU A 329 5.39 10.97 -13.27
N PRO A 330 4.21 10.33 -13.35
CA PRO A 330 3.23 10.15 -12.28
C PRO A 330 3.72 9.28 -11.11
N GLY A 331 3.50 9.74 -9.90
CA GLY A 331 3.90 8.97 -8.75
C GLY A 331 2.74 9.06 -7.78
N TRP A 332 1.95 7.98 -7.67
CA TRP A 332 0.80 7.96 -6.76
C TRP A 332 1.02 7.01 -5.59
N TYR A 333 0.01 6.24 -5.21
CA TYR A 333 0.18 5.34 -4.09
C TYR A 333 1.41 4.47 -4.31
N SER A 334 2.17 4.23 -3.25
CA SER A 334 3.32 3.35 -3.35
C SER A 334 3.11 2.37 -2.19
N PHE A 335 3.75 1.20 -2.25
CA PHE A 335 3.58 0.19 -1.21
C PHE A 335 4.82 -0.66 -1.14
N GLY A 336 4.87 -1.53 -0.14
CA GLY A 336 6.00 -2.44 0.00
C GLY A 336 5.42 -3.84 0.17
N PHE A 337 6.20 -4.83 -0.26
CA PHE A 337 5.87 -6.25 -0.17
C PHE A 337 7.20 -6.99 -0.10
N GLU A 338 7.16 -8.29 0.17
CA GLU A 338 8.39 -9.07 0.25
C GLU A 338 8.32 -10.38 -0.53
N ILE A 339 9.22 -10.59 -1.48
CA ILE A 339 9.23 -11.85 -2.24
C ILE A 339 9.87 -12.89 -1.36
N LYS A 340 9.32 -14.10 -1.33
CA LYS A 340 9.87 -15.16 -0.51
C LYS A 340 10.83 -16.00 -1.36
N ASP A 341 12.10 -15.98 -0.98
CA ASP A 341 13.12 -16.73 -1.67
C ASP A 341 13.45 -17.94 -0.78
N LYS A 342 14.06 -18.97 -1.37
CA LYS A 342 14.39 -20.23 -0.67
C LYS A 342 14.80 -20.08 0.78
N LYS A 343 15.67 -19.14 1.08
CA LYS A 343 16.10 -18.95 2.45
C LYS A 343 15.95 -17.56 3.09
N CYS A 344 15.46 -16.58 2.35
CA CYS A 344 15.33 -15.23 2.92
C CYS A 344 14.27 -14.42 2.21
N ASP A 345 13.94 -13.26 2.78
CA ASP A 345 12.90 -12.42 2.20
C ASP A 345 13.55 -11.27 1.46
N VAL A 346 12.99 -10.93 0.31
CA VAL A 346 13.48 -9.85 -0.51
C VAL A 346 12.45 -8.72 -0.42
N PRO A 347 12.74 -7.64 0.34
CA PRO A 347 11.84 -6.49 0.50
C PRO A 347 11.73 -5.71 -0.81
N CYS A 348 10.57 -5.12 -1.08
CA CYS A 348 10.35 -4.40 -2.34
C CYS A 348 9.40 -3.23 -2.19
N ILE A 349 9.34 -2.37 -3.21
CA ILE A 349 8.46 -1.19 -3.24
C ILE A 349 7.76 -1.07 -4.60
N GLY A 350 6.44 -1.09 -4.60
CA GLY A 350 5.73 -0.94 -5.87
C GLY A 350 5.20 0.47 -5.88
N ILE A 351 5.15 1.07 -7.05
CA ILE A 351 4.67 2.44 -7.21
C ILE A 351 3.54 2.47 -8.21
N GLU A 352 2.39 2.93 -7.78
CA GLU A 352 1.24 3.06 -8.67
C GLU A 352 1.46 4.35 -9.45
N MET A 353 1.60 4.24 -10.76
CA MET A 353 1.85 5.39 -11.64
C MET A 353 0.57 5.61 -12.42
N VAL A 354 -0.20 6.61 -12.00
CA VAL A 354 -1.49 6.90 -12.60
C VAL A 354 -1.55 7.77 -13.82
N HIS A 355 -2.36 7.32 -14.76
CA HIS A 355 -2.62 8.02 -16.02
C HIS A 355 -3.87 8.84 -15.69
N ASP A 356 -3.76 10.16 -15.73
CA ASP A 356 -4.89 11.01 -15.45
C ASP A 356 -4.91 12.12 -16.48
N GLY A 357 -5.98 12.14 -17.26
CA GLY A 357 -6.09 13.13 -18.30
C GLY A 357 -7.42 13.83 -18.20
N GLY A 358 -7.80 14.21 -16.99
CA GLY A 358 -9.08 14.87 -16.78
C GLY A 358 -10.14 13.87 -16.35
N LYS A 359 -11.36 14.36 -16.17
CA LYS A 359 -12.44 13.47 -15.76
C LYS A 359 -13.33 13.21 -16.97
N ASP A 360 -12.85 13.64 -18.12
CA ASP A 360 -13.59 13.44 -19.36
C ASP A 360 -12.97 12.36 -20.25
N THR A 361 -12.35 11.37 -19.60
CA THR A 361 -11.72 10.22 -20.26
C THR A 361 -11.34 9.15 -19.24
N TRP A 362 -10.69 8.07 -19.70
CA TRP A 362 -10.30 6.99 -18.82
C TRP A 362 -9.23 7.38 -17.79
N HIS A 363 -9.22 6.66 -16.68
CA HIS A 363 -8.32 6.92 -15.56
C HIS A 363 -7.87 5.53 -15.11
N SER A 364 -6.57 5.28 -15.06
CA SER A 364 -6.08 3.95 -14.67
C SER A 364 -4.65 4.06 -14.17
N ALA A 365 -4.03 2.93 -13.84
CA ALA A 365 -2.69 2.94 -13.30
C ALA A 365 -1.70 1.91 -13.87
N ALA A 366 -0.41 2.18 -13.72
CA ALA A 366 0.68 1.28 -14.12
C ALA A 366 1.34 0.96 -12.79
N THR A 367 2.12 -0.11 -12.74
CA THR A 367 2.80 -0.51 -11.51
C THR A 367 4.29 -0.72 -11.74
N ALA A 368 5.11 0.14 -11.13
CA ALA A 368 6.56 0.04 -11.24
C ALA A 368 7.00 -0.71 -9.99
N ILE A 369 8.10 -1.45 -10.05
CA ILE A 369 8.54 -2.23 -8.89
C ILE A 369 10.04 -2.27 -8.70
N TYR A 370 10.50 -1.75 -7.56
CA TYR A 370 11.92 -1.75 -7.18
C TYR A 370 12.10 -2.73 -6.05
N CYS A 371 13.16 -3.54 -6.11
CA CYS A 371 13.43 -4.52 -5.07
C CYS A 371 14.89 -4.41 -4.67
N LEU A 372 15.23 -4.93 -3.49
CA LEU A 372 16.59 -4.89 -2.98
C LEU A 372 17.45 -5.88 -3.77
N MET A 373 18.47 -5.35 -4.42
CA MET A 373 19.36 -6.15 -5.25
C MET A 373 20.80 -5.68 -5.13
N GLY A 374 21.67 -6.59 -4.73
CA GLY A 374 23.07 -6.27 -4.61
C GLY A 374 23.45 -4.93 -4.01
N SER A 375 24.49 -4.31 -4.58
CA SER A 375 25.01 -3.07 -4.06
C SER A 375 25.14 -1.92 -5.01
N GLY A 376 25.59 -0.80 -4.48
CA GLY A 376 25.78 0.35 -5.32
C GLY A 376 24.69 1.32 -5.02
N GLN A 377 24.29 2.06 -6.03
CA GLN A 377 23.25 3.03 -5.88
C GLN A 377 22.16 2.58 -6.85
N LEU A 378 20.95 3.06 -6.62
CA LEU A 378 19.85 2.79 -7.54
C LEU A 378 20.33 3.47 -8.85
N LEU A 379 20.19 2.79 -10.00
CA LEU A 379 20.67 3.34 -11.27
C LEU A 379 19.65 3.93 -12.24
N TRP A 380 18.47 3.34 -12.35
CA TRP A 380 17.54 3.81 -13.36
C TRP A 380 16.10 3.98 -12.92
N ASP A 381 15.45 4.95 -13.54
CA ASP A 381 14.08 5.28 -13.23
C ASP A 381 13.08 4.58 -14.16
N THR A 382 11.81 4.76 -13.82
CA THR A 382 10.74 4.15 -14.56
C THR A 382 9.87 5.17 -15.29
N VAL A 383 9.50 4.85 -16.52
CA VAL A 383 8.59 5.67 -17.31
C VAL A 383 7.45 4.70 -17.65
N THR A 384 6.28 5.23 -18.02
CA THR A 384 5.15 4.36 -18.33
C THR A 384 5.07 4.04 -19.81
N GLY A 385 5.47 4.99 -20.65
CA GLY A 385 5.45 4.79 -22.08
C GLY A 385 4.10 5.05 -22.72
N VAL A 386 3.10 5.16 -21.86
CA VAL A 386 1.72 5.37 -22.30
C VAL A 386 1.36 6.78 -22.75
N ASP A 387 0.76 6.86 -23.93
CA ASP A 387 0.28 8.11 -24.50
C ASP A 387 -1.24 8.01 -24.36
N MET A 388 -1.85 8.94 -23.64
CA MET A 388 -3.29 8.86 -23.43
C MET A 388 -4.21 9.16 -24.59
N ALA A 389 -3.67 9.73 -25.66
CA ALA A 389 -4.51 10.05 -26.81
C ALA A 389 -4.58 8.91 -27.82
N LEU A 390 -4.04 7.76 -27.48
CA LEU A 390 -4.09 6.62 -28.39
C LEU A 390 -5.29 5.68 -28.13
C1 NAG B . 10.77 -15.94 13.11
C2 NAG B . 12.17 -15.52 12.75
C3 NAG B . 12.87 -16.40 11.68
C4 NAG B . 11.97 -17.60 11.23
C5 NAG B . 11.05 -18.25 12.29
C6 NAG B . 11.77 -19.42 12.90
C7 NAG B . 13.20 -13.49 12.04
C8 NAG B . 13.06 -12.13 11.40
N2 NAG B . 12.09 -14.21 12.15
O3 NAG B . 14.06 -16.90 12.18
O4 NAG B . 11.08 -17.11 10.22
O5 NAG B . 10.71 -17.33 13.39
O6 NAG B . 10.95 -19.89 13.97
O7 NAG B . 14.29 -13.88 12.48
H1 NAG B . 10.08 -15.83 12.26
H2 NAG B . 12.77 -15.49 13.69
H3 NAG B . 13.13 -15.86 10.77
H4 NAG B . 12.61 -18.36 10.74
H5 NAG B . 10.10 -18.61 11.84
H61 NAG B . 12.76 -19.12 13.26
H62 NAG B . 11.90 -20.22 12.15
H81 NAG B . 12.02 -11.95 11.06
H82 NAG B . 13.70 -12.05 10.52
H83 NAG B . 13.35 -11.33 12.10
HN2 NAG B . 11.23 -13.88 11.81
HO3 NAG B . 14.59 -16.12 12.43
HO4 NAG B . 10.71 -16.28 10.54
HO6 NAG B . 10.67 -19.10 14.46
CA CA C . -1.68 14.31 5.59
CA CA D . -7.36 -13.36 -25.67
C' ST4 E . -7.08 8.97 -3.31
O1' ST4 E . -6.94 9.08 -4.54
O2' ST4 E . -6.40 9.63 -2.49
C1 ST4 E . -8.00 8.05 -2.81
C2 ST4 E . -8.63 8.29 -1.59
C3 ST4 E . -9.42 7.33 -0.99
N3 ST4 E . -9.99 7.60 0.23
C3' ST4 E . -9.25 7.91 1.29
N1 ST4 E . -9.82 8.09 2.48
N2 ST4 E . -7.94 7.98 1.19
C4 ST4 E . -9.62 6.09 -1.64
N4 ST4 E . -10.35 5.07 -1.02
C4' ST4 E . -11.61 5.23 -0.61
O4 ST4 E . -12.26 6.24 -0.87
CM4 ST4 E . -12.29 4.08 0.08
C5 ST4 E . -9.01 5.86 -2.86
C6 ST4 E . -8.22 6.83 -3.43
HN3 ST4 E . -10.97 7.56 0.36
HN11 ST4 E . -9.25 8.33 3.27
HN12 ST4 E . -10.81 8.01 2.59
HN21 ST4 E . -7.48 7.80 0.32
HN22 ST4 E . -7.39 8.21 1.99
HN4 ST4 E . -9.96 4.20 -0.87
#